data_5O9Y
#
_entry.id   5O9Y
#
_cell.length_a   49.920
_cell.length_b   70.380
_cell.length_c   150.070
_cell.angle_alpha   90.00
_cell.angle_beta   90.00
_cell.angle_gamma   90.00
#
_symmetry.space_group_name_H-M   'P 21 21 21'
#
loop_
_entity.id
_entity.type
_entity.pdbx_description
1 polymer '1,3-beta-glucanosyltransferase GAS2'
2 non-polymer (2~{R},3~{S},4~{S},5~{R},6~{S})-2-(hydroxymethyl)-6-[(2~{R},3~{R},4~{S},5~{R},6~{S})-2-(hydroxymethyl)-6-[(2~{R},3~{R},4~{S},5~{R},6~{R})-2-(hydroxymethyl)-3,5-bis(oxidanyl)-6-[4-(3-pyridin-1-ium-1-ylpropyl)-1,2,3-triazol-1-yl]oxan-4-yl]oxy-3,5-bis(oxidanyl)oxan-4-yl]oxy-oxane-3,4,5-triol
3 non-polymer 1,2-ETHANEDIOL
4 non-polymer 'SULFATE ION'
5 water water
#
_entity_poly.entity_id   1
_entity_poly.type   'polypeptide(L)'
_entity_poly.pdbx_seq_one_letter_code
;MNKKQNFYAAIIVAIFLCLQLSHGSSGVSFEKTPAIKIVGNKFFDSESGEQFFIKGIAYQLQRSEEELSNANGAFETSYI
DALADPKICLRDIPFLKMLGVNTLRVYAIDPTKSHDICMEALSAEGMYVLLDLSEPDISINRENPSWDVHIFERYKSVID
AMSSFPNLLGYFAGNEVTNDHTNTFASPFVKAAIRDAKEYISHSNHRKIPVGYSTNDDAMTRDNLARYFVCGDVKADFYG
INMYEWCGYSTYGTSGYRERTKEFEGYPIPVFFSEFGCNLVRPRPFTEVSALYGNKMSSVWSGGLAYMYFEEENEYGVVK
INDNDGVDILPDFKNLKKEFAKADPKGITEEEYLTAKEPTEVESVECPHIAVGVWEANEKLPETPDRSKCACLDEILPCE
IVPFGAESGKYEEYFSYLCSKVDCSDILANGKTGEYGEFSDCSVEQKLSLQLSKLYCKIGANDRHCPLNDKNVYFNLESL
QPLTSESICKNVFDSIRNITYNHGDYSKSNPSRSKESLNVKYPSSEERENDGTIAFKTSGFVILLISMIAAGILL
;
_entity_poly.pdbx_strand_id   A
#
loop_
_chem_comp.id
_chem_comp.type
_chem_comp.name
_chem_comp.formula
9PN non-polymer (2~{R},3~{S},4~{S},5~{R},6~{S})-2-(hydroxymethyl)-6-[(2~{R},3~{R},4~{S},5~{R},6~{S})-2-(hydroxymethyl)-6-[(2~{R},3~{R},4~{S},5~{R},6~{R})-2-(hydroxymethyl)-3,5-bis(oxidanyl)-6-[4-(3-pyridin-1-ium-1-ylpropyl)-1,2,3-triazol-1-yl]oxan-4-yl]oxy-3,5-bis(oxidanyl)oxan-4-yl]oxy-oxane-3,4,5-triol 'C28 H43 N4 O15 1'
EDO non-polymer 1,2-ETHANEDIOL 'C2 H6 O2'
SO4 non-polymer 'SULFATE ION' 'O4 S -2'
#
# COMPACT_ATOMS: atom_id res chain seq x y z
N SER A 29 -27.40 -1.77 -1.67
CA SER A 29 -27.66 -0.71 -0.64
C SER A 29 -26.47 -0.56 0.31
N PHE A 30 -26.13 0.69 0.65
CA PHE A 30 -24.99 1.00 1.52
C PHE A 30 -25.33 2.02 2.62
N GLU A 31 -26.58 1.98 3.13
CA GLU A 31 -27.07 2.99 4.10
C GLU A 31 -26.27 3.01 5.41
N LYS A 32 -25.80 1.83 5.80
CA LYS A 32 -25.19 1.57 7.10
C LYS A 32 -23.69 1.92 7.08
N THR A 33 -23.13 2.10 5.89
CA THR A 33 -21.77 2.60 5.72
C THR A 33 -21.77 3.85 4.82
N PRO A 34 -22.08 5.03 5.41
CA PRO A 34 -21.86 6.28 4.67
C PRO A 34 -20.37 6.48 4.40
N ALA A 35 -20.04 7.10 3.27
CA ALA A 35 -18.64 7.34 2.92
C ALA A 35 -17.93 8.14 4.03
N ILE A 36 -16.73 7.69 4.39
CA ILE A 36 -15.90 8.41 5.35
C ILE A 36 -15.04 9.40 4.58
N LYS A 37 -14.92 10.61 5.11
CA LYS A 37 -14.08 11.66 4.52
C LYS A 37 -13.04 12.13 5.51
N ILE A 38 -12.01 12.82 5.00
CA ILE A 38 -10.96 13.40 5.83
C ILE A 38 -11.14 14.91 5.90
N VAL A 39 -11.06 15.45 7.12
CA VAL A 39 -10.95 16.89 7.37
C VAL A 39 -9.78 17.07 8.34
N GLY A 40 -8.78 17.83 7.92
CA GLY A 40 -7.56 18.01 8.70
C GLY A 40 -6.86 16.69 8.98
N ASN A 41 -6.69 16.36 10.26
CA ASN A 41 -6.02 15.12 10.67
C ASN A 41 -6.95 14.08 11.30
N LYS A 42 -8.22 14.08 10.86
CA LYS A 42 -9.24 13.17 11.40
C LYS A 42 -10.18 12.66 10.31
N PHE A 43 -10.71 11.46 10.50
CA PHE A 43 -11.75 10.89 9.64
C PHE A 43 -13.12 11.30 10.16
N PHE A 44 -14.08 11.48 9.25
CA PHE A 44 -15.46 11.83 9.61
C PHE A 44 -16.49 11.10 8.75
N ASP A 45 -17.57 10.65 9.39
CA ASP A 45 -18.75 10.14 8.69
C ASP A 45 -19.38 11.30 7.93
N SER A 46 -19.53 11.14 6.61
CA SER A 46 -19.99 12.24 5.75
C SER A 46 -21.44 12.67 5.97
N GLU A 47 -22.26 11.78 6.53
CA GLU A 47 -23.67 12.11 6.83
C GLU A 47 -23.84 12.71 8.22
N SER A 48 -23.45 11.95 9.24
CA SER A 48 -23.63 12.35 10.64
C SER A 48 -22.67 13.47 11.08
N GLY A 49 -21.45 13.48 10.53
CA GLY A 49 -20.41 14.42 10.92
C GLY A 49 -19.65 14.03 12.18
N GLU A 50 -19.87 12.81 12.68
CA GLU A 50 -19.17 12.30 13.86
C GLU A 50 -17.79 11.82 13.42
N GLN A 51 -16.81 11.91 14.32
CA GLN A 51 -15.47 11.39 14.03
C GLN A 51 -15.53 9.87 13.91
N PHE A 52 -14.83 9.35 12.90
CA PHE A 52 -14.77 7.91 12.63
C PHE A 52 -13.47 7.38 13.21
N PHE A 53 -13.57 6.38 14.08
CA PHE A 53 -12.42 5.66 14.61
C PHE A 53 -12.40 4.26 14.02
N ILE A 54 -11.22 3.85 13.54
CA ILE A 54 -11.04 2.52 12.97
C ILE A 54 -10.91 1.52 14.12
N LYS A 55 -11.84 0.57 14.17
CA LYS A 55 -11.73 -0.63 14.99
C LYS A 55 -11.66 -1.78 14.02
N GLY A 56 -10.44 -2.21 13.68
CA GLY A 56 -10.25 -3.11 12.55
C GLY A 56 -9.52 -4.40 12.79
N ILE A 57 -9.49 -5.22 11.74
CA ILE A 57 -8.67 -6.43 11.71
C ILE A 57 -8.21 -6.70 10.28
N ALA A 58 -6.97 -7.17 10.13
CA ALA A 58 -6.46 -7.58 8.82
C ALA A 58 -7.18 -8.85 8.38
N TYR A 59 -7.52 -8.92 7.09
CA TYR A 59 -8.30 -10.02 6.53
C TYR A 59 -7.73 -10.38 5.15
N GLN A 60 -6.99 -11.47 5.08
CA GLN A 60 -6.20 -11.84 3.91
C GLN A 60 -5.74 -13.29 4.05
N LEU A 61 -6.01 -14.08 3.02
CA LEU A 61 -5.68 -15.51 2.99
C LEU A 61 -4.47 -15.73 2.10
N GLN A 62 -3.59 -16.66 2.49
CA GLN A 62 -2.42 -17.05 1.69
C GLN A 62 -2.57 -18.47 1.15
N ARG A 63 -1.71 -18.80 0.19
CA ARG A 63 -1.53 -20.18 -0.29
C ARG A 63 -0.32 -20.79 0.42
N SER A 64 -0.23 -22.11 0.39
CA SER A 64 0.88 -22.86 0.99
C SER A 64 1.61 -23.68 -0.07
N THR A 77 -3.59 -16.77 -9.54
CA THR A 77 -2.84 -15.75 -8.81
C THR A 77 -2.15 -16.35 -7.59
N SER A 78 -1.05 -15.71 -7.17
CA SER A 78 -0.31 -16.13 -5.98
C SER A 78 -1.09 -15.82 -4.69
N TYR A 79 -1.56 -14.57 -4.61
CA TYR A 79 -2.48 -14.15 -3.55
C TYR A 79 -3.86 -14.77 -3.72
N ILE A 80 -4.58 -14.94 -2.61
CA ILE A 80 -6.00 -15.34 -2.61
C ILE A 80 -6.84 -14.10 -2.33
N ASP A 81 -7.91 -13.92 -3.11
CA ASP A 81 -8.84 -12.82 -2.95
C ASP A 81 -10.13 -13.32 -2.29
N ALA A 82 -10.19 -13.21 -0.96
CA ALA A 82 -11.37 -13.63 -0.19
C ALA A 82 -12.61 -12.79 -0.50
N LEU A 83 -12.42 -11.51 -0.86
CA LEU A 83 -13.54 -10.64 -1.22
C LEU A 83 -14.10 -10.87 -2.64
N ALA A 84 -13.46 -11.74 -3.42
CA ALA A 84 -13.99 -12.19 -4.71
C ALA A 84 -14.66 -13.57 -4.63
N ASP A 85 -14.75 -14.15 -3.44
CA ASP A 85 -15.32 -15.48 -3.25
C ASP A 85 -16.39 -15.43 -2.15
N PRO A 86 -17.68 -15.31 -2.53
CA PRO A 86 -18.77 -15.23 -1.55
C PRO A 86 -18.78 -16.31 -0.47
N LYS A 87 -18.46 -17.55 -0.81
CA LYS A 87 -18.46 -18.63 0.21
C LYS A 87 -17.42 -18.40 1.32
N ILE A 88 -16.31 -17.74 0.99
CA ILE A 88 -15.30 -17.38 2.00
C ILE A 88 -15.76 -16.19 2.83
N CYS A 89 -16.06 -15.07 2.18
CA CYS A 89 -16.39 -13.83 2.89
C CYS A 89 -17.69 -13.93 3.71
N LEU A 90 -18.70 -14.60 3.16
CA LEU A 90 -19.98 -14.78 3.89
C LEU A 90 -19.87 -15.77 5.06
N ARG A 91 -18.91 -16.68 5.01
CA ARG A 91 -18.57 -17.52 6.18
C ARG A 91 -17.99 -16.67 7.31
N ASP A 92 -17.09 -15.75 6.97
CA ASP A 92 -16.31 -15.00 7.97
C ASP A 92 -16.98 -13.75 8.54
N ILE A 93 -17.81 -13.07 7.76
CA ILE A 93 -18.45 -11.82 8.19
C ILE A 93 -19.21 -11.95 9.53
N PRO A 94 -19.96 -13.05 9.75
CA PRO A 94 -20.57 -13.29 11.07
C PRO A 94 -19.56 -13.32 12.24
N PHE A 95 -18.39 -13.90 12.02
CA PHE A 95 -17.33 -13.90 13.05
C PHE A 95 -16.71 -12.50 13.21
N LEU A 96 -16.54 -11.78 12.10
CA LEU A 96 -16.09 -10.40 12.15
C LEU A 96 -17.09 -9.49 12.87
N LYS A 97 -18.38 -9.75 12.68
CA LYS A 97 -19.45 -9.06 13.43
C LYS A 97 -19.34 -9.32 14.93
N MET A 98 -19.06 -10.56 15.33
CA MET A 98 -18.85 -10.91 16.74
C MET A 98 -17.66 -10.19 17.37
N LEU A 99 -16.57 -10.06 16.61
CA LEU A 99 -15.39 -9.29 17.05
C LEU A 99 -15.69 -7.81 17.28
N GLY A 100 -16.68 -7.28 16.55
CA GLY A 100 -17.10 -5.89 16.70
C GLY A 100 -16.25 -4.93 15.89
N VAL A 101 -15.67 -5.41 14.79
CA VAL A 101 -14.85 -4.55 13.93
C VAL A 101 -15.74 -3.74 12.97
N ASN A 102 -15.28 -2.54 12.63
CA ASN A 102 -15.91 -1.72 11.59
C ASN A 102 -15.04 -1.55 10.34
N THR A 103 -13.85 -2.17 10.33
CA THR A 103 -12.92 -2.02 9.20
C THR A 103 -12.09 -3.29 9.00
N LEU A 104 -11.82 -3.62 7.73
CA LEU A 104 -10.86 -4.67 7.39
C LEU A 104 -9.69 -4.03 6.68
N ARG A 105 -8.48 -4.56 6.89
CA ARG A 105 -7.37 -4.31 5.97
C ARG A 105 -7.21 -5.52 5.06
N VAL A 106 -7.24 -5.26 3.75
CA VAL A 106 -7.03 -6.27 2.73
C VAL A 106 -5.76 -5.87 1.98
N TYR A 107 -4.84 -6.80 1.82
CA TYR A 107 -3.53 -6.52 1.19
C TYR A 107 -3.51 -6.77 -0.31
N ALA A 108 -4.42 -7.59 -0.82
CA ALA A 108 -4.44 -7.88 -2.25
C ALA A 108 -5.80 -8.35 -2.73
N ILE A 109 -6.27 -7.75 -3.83
CA ILE A 109 -7.46 -8.21 -4.55
C ILE A 109 -7.09 -8.47 -6.00
N ASP A 110 -7.88 -9.32 -6.66
CA ASP A 110 -7.76 -9.59 -8.08
C ASP A 110 -8.73 -8.63 -8.78
N PRO A 111 -8.22 -7.58 -9.46
CA PRO A 111 -9.12 -6.60 -10.06
C PRO A 111 -9.98 -7.08 -11.24
N THR A 112 -9.68 -8.26 -11.78
CA THR A 112 -10.50 -8.85 -12.86
C THR A 112 -11.78 -9.52 -12.34
N LYS A 113 -11.86 -9.78 -11.03
CA LYS A 113 -13.03 -10.44 -10.43
C LYS A 113 -14.01 -9.42 -9.84
N SER A 114 -15.26 -9.86 -9.68
CA SER A 114 -16.30 -9.05 -9.02
C SER A 114 -16.09 -9.05 -7.52
N HIS A 115 -16.42 -7.92 -6.87
CA HIS A 115 -16.38 -7.80 -5.40
C HIS A 115 -17.65 -7.25 -4.77
N ASP A 116 -18.73 -7.06 -5.55
CA ASP A 116 -19.92 -6.39 -5.02
C ASP A 116 -20.68 -7.22 -3.98
N ILE A 117 -20.69 -8.54 -4.11
CA ILE A 117 -21.37 -9.41 -3.13
C ILE A 117 -20.73 -9.27 -1.75
N CYS A 118 -19.41 -9.42 -1.68
CA CYS A 118 -18.70 -9.31 -0.40
C CYS A 118 -18.69 -7.88 0.16
N MET A 119 -18.49 -6.88 -0.71
CA MET A 119 -18.50 -5.49 -0.27
C MET A 119 -19.87 -5.04 0.24
N GLU A 120 -20.94 -5.48 -0.40
CA GLU A 120 -22.31 -5.20 0.08
C GLU A 120 -22.62 -5.95 1.38
N ALA A 121 -22.17 -7.19 1.48
CA ALA A 121 -22.31 -7.99 2.71
C ALA A 121 -21.56 -7.34 3.88
N LEU A 122 -20.36 -6.83 3.61
CA LEU A 122 -19.61 -6.06 4.61
C LEU A 122 -20.33 -4.78 5.00
N SER A 123 -20.87 -4.07 4.01
CA SER A 123 -21.65 -2.85 4.27
C SER A 123 -22.87 -3.13 5.14
N ALA A 124 -23.50 -4.29 4.93
CA ALA A 124 -24.66 -4.73 5.74
C ALA A 124 -24.36 -4.78 7.25
N GLU A 125 -23.11 -5.08 7.61
CA GLU A 125 -22.67 -5.10 9.01
C GLU A 125 -21.86 -3.86 9.43
N GLY A 126 -21.97 -2.76 8.68
CA GLY A 126 -21.28 -1.52 9.00
C GLY A 126 -19.76 -1.55 8.87
N MET A 127 -19.26 -2.39 7.97
CA MET A 127 -17.81 -2.62 7.84
C MET A 127 -17.23 -1.98 6.60
N TYR A 128 -16.09 -1.31 6.79
CA TYR A 128 -15.34 -0.64 5.74
C TYR A 128 -14.10 -1.43 5.38
N VAL A 129 -13.43 -1.05 4.28
CA VAL A 129 -12.21 -1.73 3.82
C VAL A 129 -11.09 -0.73 3.53
N LEU A 130 -9.94 -0.95 4.15
CA LEU A 130 -8.67 -0.32 3.74
C LEU A 130 -7.95 -1.32 2.84
N LEU A 131 -7.53 -0.87 1.66
CA LEU A 131 -7.03 -1.76 0.63
C LEU A 131 -5.69 -1.32 0.06
N ASP A 132 -4.69 -2.20 0.12
CA ASP A 132 -3.42 -1.95 -0.58
C ASP A 132 -3.64 -2.04 -2.09
N LEU A 133 -2.98 -1.16 -2.84
CA LEU A 133 -3.06 -1.16 -4.30
C LEU A 133 -2.09 -2.15 -4.94
N SER A 134 -1.01 -2.47 -4.22
CA SER A 134 0.03 -3.37 -4.70
C SER A 134 -0.23 -4.82 -4.33
N GLU A 135 0.60 -5.71 -4.85
CA GLU A 135 0.59 -7.13 -4.51
C GLU A 135 2.03 -7.65 -4.60
N PRO A 136 2.34 -8.81 -4.00
CA PRO A 136 3.74 -9.25 -3.87
C PRO A 136 4.58 -9.23 -5.17
N ASP A 137 3.96 -9.60 -6.29
CA ASP A 137 4.63 -9.61 -7.60
C ASP A 137 4.54 -8.30 -8.39
N ILE A 138 3.70 -7.35 -7.97
CA ILE A 138 3.65 -6.01 -8.57
C ILE A 138 3.63 -4.96 -7.45
N SER A 139 4.82 -4.61 -6.99
CA SER A 139 5.03 -3.59 -5.96
C SER A 139 6.27 -2.78 -6.32
N ILE A 140 6.44 -1.64 -5.65
CA ILE A 140 7.68 -0.89 -5.74
C ILE A 140 8.73 -1.71 -4.99
N ASN A 141 9.74 -2.19 -5.71
CA ASN A 141 10.77 -3.05 -5.15
C ASN A 141 11.75 -2.22 -4.34
N ARG A 142 11.78 -2.42 -3.03
CA ARG A 142 12.68 -1.65 -2.17
C ARG A 142 14.18 -1.87 -2.47
N GLU A 143 14.52 -3.02 -3.06
CA GLU A 143 15.90 -3.34 -3.45
C GLU A 143 16.31 -2.72 -4.81
N ASN A 144 15.33 -2.38 -5.64
CA ASN A 144 15.57 -1.77 -6.95
C ASN A 144 14.33 -0.94 -7.33
N PRO A 145 14.15 0.23 -6.68
CA PRO A 145 12.87 0.92 -6.83
C PRO A 145 12.62 1.55 -8.19
N SER A 146 11.39 1.40 -8.66
CA SER A 146 10.94 2.02 -9.90
C SER A 146 9.49 2.44 -9.68
N TRP A 147 9.08 3.52 -10.36
CA TRP A 147 7.68 3.87 -10.47
C TRP A 147 7.39 3.93 -11.96
N ASP A 148 6.70 2.91 -12.44
CA ASP A 148 6.59 2.67 -13.88
C ASP A 148 5.17 2.30 -14.30
N VAL A 149 4.98 2.21 -15.62
CA VAL A 149 3.67 1.91 -16.21
C VAL A 149 3.06 0.58 -15.74
N HIS A 150 3.90 -0.43 -15.50
CA HIS A 150 3.42 -1.74 -15.04
C HIS A 150 2.83 -1.68 -13.63
N ILE A 151 3.52 -0.99 -12.72
CA ILE A 151 3.04 -0.86 -11.34
C ILE A 151 1.85 0.11 -11.32
N PHE A 152 1.91 1.19 -12.11
CA PHE A 152 0.83 2.17 -12.15
C PHE A 152 -0.45 1.57 -12.74
N GLU A 153 -0.33 0.73 -13.77
CA GLU A 153 -1.50 0.03 -14.33
C GLU A 153 -2.16 -0.91 -13.30
N ARG A 154 -1.35 -1.59 -12.49
CA ARG A 154 -1.86 -2.39 -11.36
C ARG A 154 -2.68 -1.54 -10.40
N TYR A 155 -2.15 -0.37 -10.03
CA TYR A 155 -2.83 0.54 -9.11
C TYR A 155 -4.14 1.04 -9.72
N LYS A 156 -4.10 1.45 -10.99
CA LYS A 156 -5.29 1.86 -11.73
C LYS A 156 -6.37 0.77 -11.75
N SER A 157 -5.95 -0.46 -12.00
CA SER A 157 -6.88 -1.61 -12.09
C SER A 157 -7.61 -1.86 -10.77
N VAL A 158 -6.88 -1.77 -9.66
CA VAL A 158 -7.48 -1.91 -8.33
C VAL A 158 -8.44 -0.76 -8.05
N ILE A 159 -8.01 0.47 -8.36
CA ILE A 159 -8.84 1.67 -8.20
C ILE A 159 -10.16 1.54 -8.99
N ASP A 160 -10.06 1.12 -10.25
CA ASP A 160 -11.25 0.97 -11.09
C ASP A 160 -12.16 -0.19 -10.65
N ALA A 161 -11.56 -1.22 -10.06
CA ALA A 161 -12.33 -2.36 -9.54
C ALA A 161 -13.10 -2.04 -8.25
N MET A 162 -12.57 -1.17 -7.40
CA MET A 162 -13.06 -1.02 -6.02
C MET A 162 -13.62 0.34 -5.62
N SER A 163 -13.55 1.35 -6.49
CA SER A 163 -13.92 2.71 -6.10
C SER A 163 -15.42 3.01 -6.07
N SER A 164 -16.24 2.14 -6.67
CA SER A 164 -17.70 2.30 -6.65
C SER A 164 -18.34 2.04 -5.29
N PHE A 165 -17.60 1.41 -4.36
CA PHE A 165 -18.15 1.03 -3.06
C PHE A 165 -17.97 2.15 -2.03
N PRO A 166 -19.08 2.69 -1.49
CA PRO A 166 -18.97 3.72 -0.44
C PRO A 166 -18.20 3.30 0.82
N ASN A 167 -18.17 2.00 1.11
CA ASN A 167 -17.41 1.48 2.25
C ASN A 167 -15.92 1.18 1.98
N LEU A 168 -15.41 1.59 0.82
CA LEU A 168 -13.96 1.61 0.60
C LEU A 168 -13.40 2.85 1.32
N LEU A 169 -12.75 2.62 2.46
CA LEU A 169 -12.28 3.69 3.32
C LEU A 169 -11.09 4.44 2.71
N GLY A 170 -10.12 3.69 2.21
CA GLY A 170 -8.91 4.28 1.65
C GLY A 170 -8.01 3.26 1.00
N TYR A 171 -7.07 3.76 0.20
CA TYR A 171 -6.07 2.93 -0.48
C TYR A 171 -4.69 3.17 0.10
N PHE A 172 -3.90 2.11 0.23
CA PHE A 172 -2.47 2.23 0.53
C PHE A 172 -1.70 2.19 -0.79
N ALA A 173 -0.86 3.21 -1.02
CA ALA A 173 0.02 3.26 -2.20
C ALA A 173 1.34 2.51 -2.00
N GLY A 174 1.56 2.00 -0.79
CA GLY A 174 2.75 1.20 -0.48
C GLY A 174 2.67 0.67 0.94
N ASN A 175 3.45 -0.39 1.20
CA ASN A 175 3.54 -0.98 2.53
C ASN A 175 4.99 -1.27 2.88
N GLU A 176 5.55 -0.53 3.83
CA GLU A 176 6.90 -0.76 4.33
C GLU A 176 7.92 -0.87 3.20
N VAL A 177 7.87 0.09 2.27
CA VAL A 177 8.75 0.06 1.09
C VAL A 177 10.17 0.35 1.60
N THR A 178 10.43 1.60 1.98
CA THR A 178 11.56 1.87 2.86
C THR A 178 11.25 1.20 4.19
N ASN A 179 12.14 0.32 4.66
CA ASN A 179 12.00 -0.29 6.00
C ASN A 179 13.20 -0.12 6.95
N ASP A 180 14.30 0.42 6.43
CA ASP A 180 15.44 0.78 7.28
C ASP A 180 16.28 1.85 6.59
N HIS A 181 17.38 2.26 7.23
CA HIS A 181 18.26 3.29 6.69
C HIS A 181 19.01 2.93 5.41
N THR A 182 18.94 1.67 4.94
CA THR A 182 19.62 1.24 3.72
C THR A 182 18.78 1.39 2.44
N ASN A 183 17.50 1.73 2.56
CA ASN A 183 16.62 1.82 1.37
C ASN A 183 15.64 2.99 1.41
N THR A 184 16.08 4.10 2.01
CA THR A 184 15.25 5.31 2.13
C THR A 184 15.01 5.96 0.77
N PHE A 185 15.93 5.74 -0.16
CA PHE A 185 15.79 6.17 -1.57
C PHE A 185 14.61 5.54 -2.34
N ALA A 186 13.94 4.53 -1.78
CA ALA A 186 12.70 4.02 -2.36
C ALA A 186 11.49 4.96 -2.13
N SER A 187 11.55 5.79 -1.09
CA SER A 187 10.40 6.62 -0.70
C SER A 187 9.91 7.66 -1.72
N PRO A 188 10.81 8.30 -2.50
CA PRO A 188 10.32 9.20 -3.57
C PRO A 188 9.43 8.52 -4.60
N PHE A 189 9.68 7.23 -4.85
CA PHE A 189 8.89 6.45 -5.80
C PHE A 189 7.50 6.20 -5.23
N VAL A 190 7.42 5.97 -3.93
CA VAL A 190 6.14 5.81 -3.25
C VAL A 190 5.35 7.13 -3.24
N LYS A 191 6.02 8.25 -2.99
CA LYS A 191 5.36 9.56 -3.04
C LYS A 191 4.83 9.89 -4.43
N ALA A 192 5.60 9.54 -5.48
CA ALA A 192 5.11 9.66 -6.85
C ALA A 192 3.85 8.83 -7.08
N ALA A 193 3.84 7.61 -6.53
CA ALA A 193 2.68 6.72 -6.61
C ALA A 193 1.45 7.29 -5.92
N ILE A 194 1.66 7.91 -4.76
CA ILE A 194 0.60 8.60 -4.02
C ILE A 194 0.00 9.73 -4.87
N ARG A 195 0.88 10.59 -5.39
CA ARG A 195 0.47 11.69 -6.28
C ARG A 195 -0.33 11.18 -7.47
N ASP A 196 0.19 10.16 -8.15
CA ASP A 196 -0.41 9.69 -9.40
C ASP A 196 -1.70 8.91 -9.18
N ALA A 197 -1.78 8.13 -8.09
CA ALA A 197 -3.03 7.48 -7.70
C ALA A 197 -4.11 8.52 -7.36
N LYS A 198 -3.73 9.54 -6.60
CA LYS A 198 -4.65 10.64 -6.25
C LYS A 198 -5.13 11.39 -7.50
N GLU A 199 -4.21 11.68 -8.41
CA GLU A 199 -4.58 12.37 -9.66
C GLU A 199 -5.46 11.50 -10.56
N TYR A 200 -5.14 10.20 -10.65
CA TYR A 200 -5.96 9.26 -11.41
C TYR A 200 -7.38 9.20 -10.86
N ILE A 201 -7.50 9.12 -9.53
CA ILE A 201 -8.81 9.15 -8.87
C ILE A 201 -9.53 10.48 -9.10
N SER A 202 -8.79 11.58 -9.01
CA SER A 202 -9.35 12.93 -9.25
C SER A 202 -9.95 13.07 -10.66
N HIS A 203 -9.21 12.58 -11.66
CA HIS A 203 -9.63 12.63 -13.06
C HIS A 203 -10.69 11.59 -13.45
N SER A 204 -10.90 10.58 -12.61
CA SER A 204 -11.97 9.60 -12.82
C SER A 204 -13.32 10.17 -12.37
N ASN A 205 -14.38 9.44 -12.69
CA ASN A 205 -15.73 9.75 -12.19
C ASN A 205 -15.98 9.26 -10.75
N HIS A 206 -15.00 8.56 -10.16
CA HIS A 206 -15.18 7.94 -8.83
C HIS A 206 -15.23 8.97 -7.71
N ARG A 207 -15.79 8.55 -6.58
CA ARG A 207 -15.64 9.25 -5.31
C ARG A 207 -14.14 9.38 -5.00
N LYS A 208 -13.75 10.50 -4.41
CA LYS A 208 -12.33 10.79 -4.19
C LYS A 208 -11.83 10.08 -2.95
N ILE A 209 -11.64 8.77 -3.09
CA ILE A 209 -11.19 7.90 -2.00
C ILE A 209 -9.75 8.31 -1.66
N PRO A 210 -9.44 8.53 -0.37
CA PRO A 210 -8.09 8.95 -0.02
C PRO A 210 -7.02 7.88 -0.25
N VAL A 211 -5.81 8.32 -0.56
CA VAL A 211 -4.67 7.44 -0.80
C VAL A 211 -3.59 7.76 0.23
N GLY A 212 -3.20 6.76 1.00
CA GLY A 212 -2.23 6.91 2.07
C GLY A 212 -1.08 5.94 1.96
N TYR A 213 -0.38 5.75 3.08
CA TYR A 213 0.80 4.90 3.13
C TYR A 213 0.81 4.13 4.45
N SER A 214 1.36 2.92 4.40
CA SER A 214 1.56 2.08 5.59
C SER A 214 3.06 1.88 5.80
N THR A 215 3.53 2.21 7.00
CA THR A 215 4.97 2.18 7.32
C THR A 215 5.26 1.19 8.45
N ASN A 216 6.52 0.78 8.57
CA ASN A 216 6.98 -0.06 9.68
C ASN A 216 7.37 0.82 10.89
N ASP A 217 8.18 0.31 11.81
CA ASP A 217 8.48 1.02 13.06
C ASP A 217 9.96 0.94 13.42
N ASP A 218 10.80 1.19 12.41
CA ASP A 218 12.25 1.17 12.57
C ASP A 218 12.68 2.50 13.20
N ALA A 219 13.43 2.42 14.30
CA ALA A 219 13.76 3.58 15.12
C ALA A 219 14.54 4.66 14.37
N MET A 220 15.49 4.25 13.53
CA MET A 220 16.35 5.19 12.81
C MET A 220 15.63 5.99 11.72
N THR A 221 14.60 5.39 11.11
CA THR A 221 13.91 5.99 9.96
C THR A 221 12.50 6.54 10.23
N ARG A 222 11.85 6.15 11.32
CA ARG A 222 10.42 6.46 11.49
C ARG A 222 10.06 7.95 11.51
N ASP A 223 10.84 8.78 12.18
CA ASP A 223 10.57 10.22 12.22
C ASP A 223 10.73 10.88 10.85
N ASN A 224 11.81 10.54 10.14
CA ASN A 224 12.04 11.03 8.78
C ASN A 224 10.98 10.58 7.77
N LEU A 225 10.57 9.32 7.87
CA LEU A 225 9.50 8.79 7.00
C LEU A 225 8.19 9.55 7.20
N ALA A 226 7.80 9.75 8.45
CA ALA A 226 6.56 10.48 8.76
C ALA A 226 6.58 11.91 8.22
N ARG A 227 7.71 12.61 8.40
CA ARG A 227 7.85 13.96 7.86
C ARG A 227 7.88 13.94 6.33
N TYR A 228 8.61 13.00 5.75
CA TYR A 228 8.74 12.91 4.29
C TYR A 228 7.39 12.77 3.57
N PHE A 229 6.50 11.94 4.11
CA PHE A 229 5.20 11.70 3.47
C PHE A 229 4.16 12.82 3.63
N VAL A 230 4.49 13.88 4.37
CA VAL A 230 3.68 15.11 4.39
C VAL A 230 4.45 16.37 3.95
N CYS A 231 5.67 16.21 3.45
CA CYS A 231 6.52 17.37 3.08
C CYS A 231 6.32 17.77 1.61
N GLY A 232 6.71 19.01 1.30
CA GLY A 232 6.69 19.51 -0.07
C GLY A 232 5.29 19.62 -0.65
N ASP A 233 5.18 19.40 -1.96
CA ASP A 233 3.95 19.60 -2.71
C ASP A 233 3.05 18.35 -2.81
N VAL A 234 3.59 17.19 -2.45
CA VAL A 234 2.84 15.92 -2.50
C VAL A 234 2.73 15.36 -1.08
N LYS A 235 1.53 14.96 -0.68
CA LYS A 235 1.27 14.45 0.66
C LYS A 235 0.41 13.19 0.61
N ALA A 236 0.74 12.22 1.46
CA ALA A 236 -0.19 11.13 1.77
C ALA A 236 -1.46 11.73 2.39
N ASP A 237 -2.60 11.11 2.12
CA ASP A 237 -3.86 11.55 2.74
C ASP A 237 -4.03 11.04 4.15
N PHE A 238 -3.43 9.88 4.46
CA PHE A 238 -3.40 9.33 5.81
C PHE A 238 -2.17 8.46 5.97
N TYR A 239 -1.87 8.09 7.20
CA TYR A 239 -0.60 7.43 7.55
C TYR A 239 -0.85 6.30 8.52
N GLY A 240 -0.62 5.06 8.08
CA GLY A 240 -0.75 3.88 8.93
C GLY A 240 0.61 3.42 9.40
N ILE A 241 0.74 3.10 10.68
CA ILE A 241 1.98 2.51 11.21
C ILE A 241 1.68 1.08 11.64
N ASN A 242 2.52 0.15 11.20
CA ASN A 242 2.43 -1.23 11.66
C ASN A 242 3.15 -1.31 13.00
N MET A 243 2.37 -1.33 14.07
CA MET A 243 2.81 -0.99 15.42
C MET A 243 2.78 -2.22 16.33
N TYR A 244 3.95 -2.70 16.73
CA TYR A 244 4.07 -3.90 17.58
C TYR A 244 4.84 -3.66 18.89
N GLU A 245 4.89 -2.41 19.35
CA GLU A 245 5.66 -2.06 20.55
C GLU A 245 5.05 -2.58 21.85
N TRP A 246 3.73 -2.72 21.89
CA TRP A 246 3.00 -3.18 23.09
C TRP A 246 2.86 -4.70 23.07
N CYS A 247 3.63 -5.39 23.92
CA CYS A 247 3.55 -6.86 24.03
C CYS A 247 3.08 -7.25 25.43
N GLY A 248 2.13 -8.19 25.50
CA GLY A 248 1.59 -8.67 26.78
C GLY A 248 0.91 -7.58 27.58
N TYR A 249 1.01 -7.68 28.90
CA TYR A 249 0.37 -6.72 29.80
C TYR A 249 1.27 -5.51 30.04
N SER A 250 1.43 -4.70 29.00
CA SER A 250 2.29 -3.51 29.03
C SER A 250 1.49 -2.29 29.49
N THR A 251 2.09 -1.10 29.41
CA THR A 251 1.40 0.14 29.74
C THR A 251 1.67 1.23 28.69
N TYR A 252 0.88 2.29 28.76
CA TYR A 252 1.01 3.46 27.89
C TYR A 252 2.42 4.07 27.93
N GLY A 253 2.98 4.19 29.12
CA GLY A 253 4.33 4.72 29.31
C GLY A 253 5.43 3.76 28.88
N THR A 254 5.36 2.52 29.37
CA THR A 254 6.44 1.54 29.18
C THR A 254 6.52 0.92 27.77
N SER A 255 5.38 0.79 27.10
CA SER A 255 5.33 0.22 25.74
C SER A 255 6.07 1.08 24.71
N GLY A 256 6.01 2.39 24.87
CA GLY A 256 6.48 3.35 23.87
C GLY A 256 5.32 4.13 23.24
N TYR A 257 4.09 3.71 23.51
CA TYR A 257 2.88 4.39 23.01
C TYR A 257 2.80 5.87 23.37
N ARG A 258 3.27 6.24 24.57
CA ARG A 258 3.28 7.64 25.00
C ARG A 258 4.22 8.50 24.15
N GLU A 259 5.42 7.98 23.90
CA GLU A 259 6.39 8.68 23.05
C GLU A 259 5.92 8.80 21.60
N ARG A 260 5.28 7.73 21.08
CA ARG A 260 4.71 7.77 19.72
C ARG A 260 3.59 8.80 19.63
N THR A 261 2.73 8.86 20.65
CA THR A 261 1.62 9.81 20.69
C THR A 261 2.11 11.27 20.75
N LYS A 262 3.13 11.53 21.55
CA LYS A 262 3.75 12.86 21.61
C LYS A 262 4.46 13.26 20.31
N GLU A 263 5.05 12.28 19.62
CA GLU A 263 5.67 12.51 18.31
C GLU A 263 4.65 12.92 17.24
N PHE A 264 3.50 12.23 17.22
CA PHE A 264 2.47 12.45 16.18
C PHE A 264 1.39 13.48 16.54
N GLU A 265 1.51 14.14 17.69
CA GLU A 265 0.57 15.21 18.06
C GLU A 265 0.77 16.39 17.12
N GLY A 266 -0.33 16.85 16.50
CA GLY A 266 -0.28 17.92 15.51
C GLY A 266 0.14 17.50 14.10
N TYR A 267 0.30 16.20 13.86
CA TYR A 267 0.63 15.67 12.53
C TYR A 267 -0.55 16.00 11.61
N PRO A 268 -0.27 16.55 10.41
CA PRO A 268 -1.34 17.19 9.61
C PRO A 268 -2.36 16.27 8.91
N ILE A 269 -2.16 14.95 8.95
CA ILE A 269 -3.09 14.00 8.33
C ILE A 269 -3.47 12.89 9.32
N PRO A 270 -4.61 12.20 9.08
CA PRO A 270 -5.00 11.13 10.00
C PRO A 270 -3.93 10.05 10.14
N VAL A 271 -3.72 9.60 11.38
CA VAL A 271 -2.73 8.59 11.70
C VAL A 271 -3.38 7.49 12.53
N PHE A 272 -3.02 6.25 12.25
CA PHE A 272 -3.58 5.09 12.93
C PHE A 272 -2.62 3.92 12.87
N PHE A 273 -2.91 2.86 13.62
CA PHE A 273 -2.14 1.63 13.55
C PHE A 273 -2.70 0.76 12.44
N SER A 274 -2.01 0.73 11.29
CA SER A 274 -2.45 -0.13 10.17
C SER A 274 -2.29 -1.62 10.49
N GLU A 275 -1.42 -1.93 11.46
CA GLU A 275 -1.35 -3.24 12.10
C GLU A 275 -1.05 -3.06 13.58
N PHE A 276 -1.60 -3.94 14.41
CA PHE A 276 -1.11 -4.11 15.78
C PHE A 276 -1.39 -5.52 16.28
N GLY A 277 -0.73 -5.89 17.38
CA GLY A 277 -0.97 -7.18 18.03
C GLY A 277 0.28 -8.02 18.17
N CYS A 278 1.25 -7.50 18.92
CA CYS A 278 2.44 -8.25 19.29
C CYS A 278 2.01 -9.53 19.99
N ASN A 279 2.60 -10.66 19.58
CA ASN A 279 2.20 -11.97 20.08
C ASN A 279 3.25 -12.64 20.99
N LEU A 280 4.17 -11.84 21.55
CA LEU A 280 5.20 -12.35 22.45
C LEU A 280 4.58 -13.12 23.62
N VAL A 281 3.56 -12.52 24.24
CA VAL A 281 2.78 -13.15 25.31
C VAL A 281 1.42 -13.58 24.75
N ARG A 282 1.07 -14.86 24.95
CA ARG A 282 -0.19 -15.41 24.47
C ARG A 282 -0.98 -16.09 25.61
N PRO A 283 -2.31 -16.21 25.50
CA PRO A 283 -3.13 -15.57 24.46
C PRO A 283 -3.04 -14.05 24.55
N ARG A 284 -2.99 -13.38 23.40
CA ARG A 284 -2.84 -11.93 23.38
C ARG A 284 -3.98 -11.27 24.16
N PRO A 285 -3.65 -10.55 25.26
CA PRO A 285 -4.70 -9.85 26.00
C PRO A 285 -5.26 -8.63 25.27
N PHE A 286 -4.52 -8.09 24.31
CA PHE A 286 -4.92 -6.89 23.54
C PHE A 286 -5.21 -5.67 24.43
N THR A 287 -4.45 -5.50 25.51
CA THR A 287 -4.65 -4.37 26.42
C THR A 287 -4.20 -3.02 25.81
N GLU A 288 -3.43 -3.07 24.72
CA GLU A 288 -3.15 -1.87 23.90
C GLU A 288 -4.42 -1.17 23.39
N VAL A 289 -5.48 -1.95 23.16
CA VAL A 289 -6.77 -1.42 22.69
C VAL A 289 -7.34 -0.40 23.70
N SER A 290 -7.27 -0.73 24.99
CA SER A 290 -7.69 0.21 26.04
C SER A 290 -6.93 1.54 25.98
N ALA A 291 -5.63 1.47 25.74
CA ALA A 291 -4.79 2.66 25.59
C ALA A 291 -5.11 3.41 24.29
N LEU A 292 -5.25 2.68 23.19
CA LEU A 292 -5.47 3.27 21.86
C LEU A 292 -6.74 4.14 21.76
N TYR A 293 -7.84 3.66 22.34
CA TYR A 293 -9.11 4.41 22.32
C TYR A 293 -9.40 5.18 23.62
N GLY A 294 -8.42 5.26 24.51
CA GLY A 294 -8.50 6.12 25.70
C GLY A 294 -8.35 7.58 25.33
N ASN A 295 -8.59 8.45 26.32
CA ASN A 295 -8.66 9.91 26.07
C ASN A 295 -7.33 10.55 25.64
N LYS A 296 -6.21 10.02 26.12
CA LYS A 296 -4.88 10.52 25.73
C LYS A 296 -4.55 10.23 24.26
N MET A 297 -4.84 9.00 23.81
CA MET A 297 -4.51 8.58 22.44
C MET A 297 -5.60 8.87 21.40
N SER A 298 -6.88 8.92 21.82
CA SER A 298 -7.99 9.17 20.90
C SER A 298 -8.01 10.60 20.31
N SER A 299 -7.33 11.54 20.96
CA SER A 299 -7.15 12.89 20.42
C SER A 299 -6.12 12.94 19.28
N VAL A 300 -5.18 11.98 19.26
CA VAL A 300 -4.11 11.91 18.25
C VAL A 300 -4.39 10.84 17.19
N TRP A 301 -4.66 9.61 17.63
CA TRP A 301 -4.79 8.47 16.72
C TRP A 301 -6.23 8.24 16.28
N SER A 302 -6.40 7.76 15.05
CA SER A 302 -7.72 7.40 14.51
C SER A 302 -7.99 5.89 14.61
N GLY A 303 -7.47 5.24 15.66
CA GLY A 303 -7.71 3.84 15.92
C GLY A 303 -6.65 2.93 15.32
N GLY A 304 -7.07 1.72 14.95
CA GLY A 304 -6.14 0.75 14.39
C GLY A 304 -6.76 -0.58 14.01
N LEU A 305 -5.96 -1.42 13.36
CA LEU A 305 -6.40 -2.74 12.91
C LEU A 305 -5.50 -3.84 13.46
N ALA A 306 -6.10 -4.81 14.15
CA ALA A 306 -5.38 -5.97 14.67
C ALA A 306 -4.88 -6.85 13.53
N TYR A 307 -3.69 -7.45 13.71
CA TYR A 307 -3.16 -8.41 12.76
C TYR A 307 -3.14 -9.79 13.43
N MET A 308 -3.96 -10.76 12.99
CA MET A 308 -4.98 -10.64 11.94
C MET A 308 -6.10 -11.65 12.19
N TYR A 309 -7.06 -11.73 11.26
CA TYR A 309 -8.14 -12.73 11.32
C TYR A 309 -7.67 -14.19 11.25
N PHE A 310 -7.10 -14.59 10.11
CA PHE A 310 -6.69 -15.98 9.86
C PHE A 310 -5.39 -16.38 10.55
N GLU A 311 -5.37 -17.60 11.07
CA GLU A 311 -4.16 -18.24 11.60
C GLU A 311 -3.44 -18.96 10.46
N GLU A 312 -2.17 -18.63 10.23
CA GLU A 312 -1.39 -19.18 9.12
C GLU A 312 0.01 -19.62 9.58
N GLU A 313 0.03 -20.54 10.54
CA GLU A 313 1.28 -21.11 11.10
C GLU A 313 2.25 -20.04 11.65
N ASN A 314 1.69 -18.91 12.10
CA ASN A 314 2.47 -17.76 12.57
C ASN A 314 2.02 -17.21 13.95
N GLU A 315 0.99 -17.83 14.54
CA GLU A 315 0.41 -17.37 15.81
C GLU A 315 -0.01 -15.89 15.81
N TYR A 316 -0.60 -15.43 14.70
CA TYR A 316 -1.20 -14.09 14.60
C TYR A 316 -2.71 -14.10 14.37
N GLY A 317 -3.30 -15.27 14.14
CA GLY A 317 -4.73 -15.38 13.87
C GLY A 317 -5.58 -15.33 15.12
N VAL A 318 -6.83 -14.90 14.97
CA VAL A 318 -7.86 -15.05 16.01
C VAL A 318 -8.83 -16.21 15.71
N VAL A 319 -8.82 -16.71 14.47
CA VAL A 319 -9.50 -17.96 14.12
C VAL A 319 -8.58 -18.84 13.27
N LYS A 320 -8.88 -20.13 13.26
CA LYS A 320 -8.19 -21.12 12.43
C LYS A 320 -9.23 -21.79 11.54
N ILE A 321 -8.97 -21.84 10.24
CA ILE A 321 -9.84 -22.55 9.29
C ILE A 321 -9.39 -24.01 9.27
N ASN A 322 -10.27 -24.91 9.72
CA ASN A 322 -9.96 -26.35 9.78
C ASN A 322 -9.97 -27.03 8.40
N ASP A 323 -9.69 -28.34 8.38
CA ASP A 323 -9.66 -29.13 7.13
C ASP A 323 -11.03 -29.27 6.46
N ASN A 324 -12.12 -29.06 7.22
CA ASN A 324 -13.48 -29.03 6.68
C ASN A 324 -13.94 -27.61 6.26
N ASP A 325 -13.01 -26.66 6.14
CA ASP A 325 -13.27 -25.25 5.79
C ASP A 325 -14.21 -24.52 6.77
N GLY A 326 -14.24 -24.97 8.02
CA GLY A 326 -15.01 -24.35 9.09
C GLY A 326 -14.13 -23.47 9.95
N VAL A 327 -14.75 -22.55 10.68
CA VAL A 327 -14.05 -21.56 11.49
C VAL A 327 -13.96 -22.03 12.93
N ASP A 328 -12.75 -22.28 13.40
CA ASP A 328 -12.49 -22.58 14.82
C ASP A 328 -11.95 -21.33 15.50
N ILE A 329 -12.68 -20.87 16.51
CA ILE A 329 -12.30 -19.68 17.28
C ILE A 329 -11.11 -20.02 18.18
N LEU A 330 -10.07 -19.17 18.12
CA LEU A 330 -8.84 -19.36 18.90
C LEU A 330 -8.86 -18.49 20.17
N PRO A 331 -8.01 -18.79 21.17
CA PRO A 331 -8.02 -18.07 22.45
C PRO A 331 -7.91 -16.53 22.42
N ASP A 332 -7.26 -15.98 21.40
CA ASP A 332 -7.17 -14.51 21.22
C ASP A 332 -8.52 -13.83 20.95
N PHE A 333 -9.42 -14.54 20.28
CA PHE A 333 -10.70 -14.00 19.80
C PHE A 333 -11.49 -13.26 20.89
N LYS A 334 -11.74 -13.95 22.00
CA LYS A 334 -12.50 -13.39 23.13
C LYS A 334 -11.86 -12.13 23.73
N ASN A 335 -10.53 -12.09 23.76
CA ASN A 335 -9.80 -10.94 24.29
C ASN A 335 -9.92 -9.70 23.41
N LEU A 336 -9.80 -9.87 22.10
CA LEU A 336 -9.99 -8.77 21.14
C LEU A 336 -11.44 -8.30 21.14
N LYS A 337 -12.36 -9.26 21.14
CA LYS A 337 -13.81 -8.99 21.23
C LYS A 337 -14.16 -8.12 22.44
N LYS A 338 -13.70 -8.54 23.61
CA LYS A 338 -13.96 -7.80 24.86
C LYS A 338 -13.34 -6.40 24.83
N GLU A 339 -12.11 -6.31 24.34
CA GLU A 339 -11.38 -5.04 24.28
C GLU A 339 -12.03 -4.02 23.32
N PHE A 340 -12.44 -4.47 22.14
CA PHE A 340 -13.18 -3.61 21.20
C PHE A 340 -14.54 -3.18 21.75
N ALA A 341 -15.23 -4.12 22.41
CA ALA A 341 -16.53 -3.83 23.04
C ALA A 341 -16.43 -2.78 24.14
N LYS A 342 -15.36 -2.86 24.94
CA LYS A 342 -15.13 -1.91 26.03
C LYS A 342 -14.64 -0.53 25.52
N ALA A 343 -13.96 -0.52 24.38
CA ALA A 343 -13.45 0.73 23.79
C ALA A 343 -14.59 1.65 23.35
N ASP A 344 -14.49 2.92 23.74
CA ASP A 344 -15.50 3.94 23.45
C ASP A 344 -14.77 5.28 23.26
N PRO A 345 -14.13 5.49 22.09
CA PRO A 345 -13.29 6.67 21.90
C PRO A 345 -14.08 7.98 21.84
N LYS A 346 -13.76 8.91 22.73
CA LYS A 346 -14.39 10.23 22.76
C LYS A 346 -13.73 11.13 21.72
N GLY A 347 -14.36 11.23 20.55
CA GLY A 347 -13.89 12.08 19.47
C GLY A 347 -14.47 13.47 19.54
N ILE A 348 -14.37 14.18 18.42
CA ILE A 348 -14.97 15.50 18.24
C ILE A 348 -15.72 15.51 16.92
N THR A 349 -16.76 16.33 16.82
CA THR A 349 -17.55 16.43 15.59
C THR A 349 -16.83 17.27 14.54
N GLU A 350 -17.33 17.18 13.30
CA GLU A 350 -16.70 17.85 12.16
C GLU A 350 -16.75 19.38 12.25
N GLU A 351 -17.89 19.93 12.66
CA GLU A 351 -18.08 21.39 12.73
C GLU A 351 -17.24 22.05 13.84
N GLU A 352 -17.15 21.42 15.01
CA GLU A 352 -16.36 21.96 16.11
C GLU A 352 -14.84 21.87 15.87
N TYR A 353 -14.42 20.85 15.11
CA TYR A 353 -13.03 20.73 14.68
C TYR A 353 -12.63 21.83 13.69
N LEU A 354 -13.53 22.15 12.75
CA LEU A 354 -13.28 23.19 11.74
C LEU A 354 -12.99 24.58 12.31
N THR A 355 -13.54 24.88 13.48
CA THR A 355 -13.28 26.15 14.18
C THR A 355 -11.86 26.15 14.76
N VAL A 365 5.32 21.68 4.81
CA VAL A 365 6.38 21.31 5.76
C VAL A 365 7.67 20.94 4.99
N GLU A 366 8.80 21.21 5.64
CA GLU A 366 10.12 20.99 5.04
C GLU A 366 10.44 19.50 4.99
N CYS A 367 10.99 19.06 3.85
CA CYS A 367 11.41 17.66 3.70
C CYS A 367 12.70 17.43 4.48
N PRO A 368 12.89 16.23 5.05
CA PRO A 368 14.14 15.95 5.75
C PRO A 368 15.36 16.11 4.84
N HIS A 369 16.39 16.77 5.35
CA HIS A 369 17.64 16.95 4.61
C HIS A 369 18.35 15.61 4.38
N ILE A 370 19.12 15.54 3.29
CA ILE A 370 19.86 14.33 2.93
C ILE A 370 21.08 14.18 3.84
N ALA A 371 21.29 12.96 4.33
CA ALA A 371 22.49 12.62 5.11
C ALA A 371 22.90 11.19 4.78
N VAL A 372 24.15 11.01 4.34
CA VAL A 372 24.61 9.72 3.82
C VAL A 372 24.53 8.63 4.90
N GLY A 373 23.89 7.51 4.55
CA GLY A 373 23.69 6.41 5.47
C GLY A 373 22.55 6.58 6.48
N VAL A 374 21.84 7.71 6.43
CA VAL A 374 20.77 8.01 7.38
C VAL A 374 19.47 8.27 6.63
N TRP A 375 19.47 9.29 5.78
CA TRP A 375 18.29 9.64 4.99
C TRP A 375 18.70 10.05 3.57
N GLU A 376 18.19 9.32 2.58
CA GLU A 376 18.62 9.46 1.19
C GLU A 376 17.42 9.52 0.24
N ALA A 377 16.34 10.18 0.67
CA ALA A 377 15.14 10.36 -0.15
C ALA A 377 15.09 11.81 -0.65
N ASN A 378 15.27 12.00 -1.95
CA ASN A 378 15.19 13.34 -2.55
C ASN A 378 13.75 13.86 -2.53
N GLU A 379 13.58 15.17 -2.38
CA GLU A 379 12.27 15.80 -2.50
C GLU A 379 11.74 15.71 -3.93
N LYS A 380 12.65 15.76 -4.91
CA LYS A 380 12.28 15.64 -6.33
C LYS A 380 11.82 14.22 -6.62
N LEU A 381 10.63 14.10 -7.19
CA LEU A 381 9.98 12.81 -7.41
C LEU A 381 10.05 12.42 -8.89
N PRO A 382 9.99 11.11 -9.20
CA PRO A 382 9.89 10.74 -10.61
C PRO A 382 8.58 11.21 -11.25
N GLU A 383 8.59 11.38 -12.57
CA GLU A 383 7.42 11.88 -13.29
C GLU A 383 6.33 10.81 -13.35
N THR A 384 5.13 11.24 -13.73
CA THR A 384 4.00 10.33 -13.88
C THR A 384 4.28 9.36 -15.03
N PRO A 385 4.20 8.04 -14.78
CA PRO A 385 4.41 7.09 -15.86
C PRO A 385 3.48 7.34 -17.04
N ASP A 386 4.04 7.35 -18.24
CA ASP A 386 3.32 7.71 -19.46
C ASP A 386 3.11 6.44 -20.28
N ARG A 387 1.91 5.88 -20.20
CA ARG A 387 1.58 4.63 -20.90
C ARG A 387 1.69 4.78 -22.43
N SER A 388 1.27 5.93 -22.95
CA SER A 388 1.30 6.18 -24.40
C SER A 388 2.72 6.26 -24.96
N LYS A 389 3.59 7.01 -24.28
CA LYS A 389 5.01 7.12 -24.65
C LYS A 389 5.67 5.74 -24.62
N CYS A 390 5.48 5.02 -23.53
CA CYS A 390 6.06 3.69 -23.38
C CYS A 390 5.45 2.66 -24.34
N ALA A 391 4.16 2.79 -24.63
CA ALA A 391 3.49 1.96 -25.64
C ALA A 391 4.00 2.22 -27.06
N CYS A 392 4.44 3.45 -27.34
CA CYS A 392 5.06 3.78 -28.63
C CYS A 392 6.40 3.08 -28.87
N LEU A 393 7.10 2.72 -27.78
CA LEU A 393 8.31 1.88 -27.89
C LEU A 393 7.98 0.48 -28.41
N ASP A 394 6.83 -0.07 -28.03
CA ASP A 394 6.35 -1.36 -28.57
C ASP A 394 6.12 -1.29 -30.08
N GLU A 395 5.67 -0.14 -30.57
CA GLU A 395 5.50 0.08 -32.02
C GLU A 395 6.84 0.23 -32.75
N ILE A 396 7.62 1.23 -32.37
CA ILE A 396 8.73 1.74 -33.21
C ILE A 396 10.10 1.06 -33.03
N LEU A 397 10.35 0.42 -31.88
CA LEU A 397 11.67 -0.16 -31.62
C LEU A 397 11.95 -1.36 -32.54
N PRO A 398 13.15 -1.41 -33.17
CA PRO A 398 13.47 -2.56 -34.04
C PRO A 398 13.64 -3.88 -33.30
N CYS A 399 14.16 -3.84 -32.07
CA CYS A 399 14.44 -5.04 -31.28
C CYS A 399 13.68 -5.04 -29.96
N GLU A 400 12.92 -6.11 -29.72
CA GLU A 400 12.04 -6.24 -28.57
C GLU A 400 12.36 -7.52 -27.80
N ILE A 401 11.97 -7.55 -26.53
CA ILE A 401 12.10 -8.75 -25.70
C ILE A 401 10.80 -8.99 -24.93
N VAL A 402 10.32 -10.24 -24.95
CA VAL A 402 9.12 -10.62 -24.20
C VAL A 402 9.51 -10.93 -22.73
N PRO A 403 8.59 -10.66 -21.76
CA PRO A 403 8.85 -10.79 -20.32
C PRO A 403 9.50 -12.09 -19.82
N PHE A 404 8.77 -13.20 -19.91
CA PHE A 404 8.98 -14.42 -19.07
C PHE A 404 9.77 -14.18 -17.78
N GLY A 409 16.37 -13.42 -13.22
CA GLY A 409 17.74 -13.87 -13.43
C GLY A 409 18.36 -13.29 -14.69
N LYS A 410 17.67 -13.48 -15.82
CA LYS A 410 18.13 -12.97 -17.11
C LYS A 410 18.15 -11.43 -17.22
N TYR A 411 17.29 -10.76 -16.46
CA TYR A 411 17.26 -9.29 -16.43
C TYR A 411 18.59 -8.71 -15.94
N GLU A 412 19.08 -9.24 -14.82
CA GLU A 412 20.39 -8.85 -14.28
C GLU A 412 21.51 -9.05 -15.29
N GLU A 413 21.53 -10.21 -15.94
CA GLU A 413 22.53 -10.53 -16.97
C GLU A 413 22.41 -9.66 -18.22
N TYR A 414 21.17 -9.45 -18.68
CA TYR A 414 20.90 -8.69 -19.90
C TYR A 414 21.15 -7.19 -19.73
N PHE A 415 20.75 -6.63 -18.58
CA PHE A 415 21.05 -5.23 -18.26
C PHE A 415 22.55 -5.02 -18.07
N SER A 416 23.19 -5.90 -17.31
CA SER A 416 24.65 -5.86 -17.12
C SER A 416 25.41 -5.93 -18.45
N TYR A 417 24.96 -6.82 -19.35
CA TYR A 417 25.56 -6.94 -20.68
C TYR A 417 25.31 -5.70 -21.54
N LEU A 418 24.04 -5.34 -21.74
CA LEU A 418 23.69 -4.24 -22.64
C LEU A 418 24.16 -2.87 -22.17
N CYS A 419 24.10 -2.62 -20.86
CA CYS A 419 24.53 -1.33 -20.30
C CYS A 419 26.06 -1.11 -20.28
N SER A 420 26.84 -2.16 -20.56
CA SER A 420 28.28 -2.00 -20.82
C SER A 420 28.57 -1.55 -22.27
N LYS A 421 27.62 -1.81 -23.18
CA LYS A 421 27.77 -1.46 -24.61
C LYS A 421 27.11 -0.15 -24.99
N VAL A 422 25.96 0.17 -24.37
CA VAL A 422 25.26 1.45 -24.59
C VAL A 422 24.99 2.15 -23.27
N ASP A 423 24.71 3.45 -23.35
CA ASP A 423 24.45 4.27 -22.17
C ASP A 423 23.00 4.05 -21.69
N CYS A 424 22.86 3.44 -20.50
CA CYS A 424 21.54 3.14 -19.93
C CYS A 424 20.97 4.25 -19.03
N SER A 425 21.60 5.43 -19.01
CA SER A 425 21.11 6.56 -18.21
C SER A 425 19.62 6.86 -18.39
N ASP A 426 19.13 6.72 -19.64
CA ASP A 426 17.72 6.99 -19.96
C ASP A 426 16.69 6.06 -19.28
N ILE A 427 17.13 4.92 -18.75
CA ILE A 427 16.25 4.01 -17.99
C ILE A 427 16.55 3.94 -16.48
N LEU A 428 17.62 4.61 -16.03
CA LEU A 428 17.96 4.62 -14.61
C LEU A 428 17.09 5.62 -13.84
N ALA A 429 16.84 5.30 -12.58
CA ALA A 429 16.08 6.16 -11.67
C ALA A 429 16.80 6.17 -10.34
N ASN A 430 17.19 7.36 -9.87
CA ASN A 430 17.92 7.52 -8.63
C ASN A 430 17.16 8.40 -7.65
N GLY A 431 16.56 7.76 -6.63
CA GLY A 431 15.82 8.45 -5.59
C GLY A 431 16.65 9.27 -4.61
N LYS A 432 17.97 9.03 -4.58
CA LYS A 432 18.89 9.81 -3.73
C LYS A 432 19.15 11.17 -4.35
N THR A 433 19.58 11.15 -5.61
CA THR A 433 19.96 12.36 -6.33
C THR A 433 18.79 13.05 -7.02
N GLY A 434 17.65 12.37 -7.14
CA GLY A 434 16.49 12.93 -7.83
C GLY A 434 16.69 13.03 -9.33
N GLU A 435 17.43 12.07 -9.88
CA GLU A 435 17.70 12.00 -11.32
C GLU A 435 16.95 10.81 -11.88
N TYR A 436 16.03 11.10 -12.81
CA TYR A 436 15.13 10.08 -13.35
C TYR A 436 15.20 10.14 -14.88
N GLY A 437 15.71 9.06 -15.48
CA GLY A 437 15.87 8.98 -16.94
C GLY A 437 14.57 9.10 -17.69
N GLU A 438 14.65 9.54 -18.94
CA GLU A 438 13.48 9.81 -19.77
C GLU A 438 12.53 8.61 -19.92
N PHE A 439 13.08 7.41 -19.98
CA PHE A 439 12.28 6.18 -20.12
C PHE A 439 12.36 5.29 -18.87
N SER A 440 12.68 5.89 -17.72
CA SER A 440 12.75 5.14 -16.46
C SER A 440 11.36 4.77 -15.93
N ASP A 441 10.32 5.39 -16.48
CA ASP A 441 8.92 5.06 -16.18
C ASP A 441 8.31 3.92 -17.03
N CYS A 442 9.06 3.39 -18.00
CA CYS A 442 8.56 2.28 -18.81
C CYS A 442 8.78 0.95 -18.11
N SER A 443 8.18 -0.11 -18.65
CA SER A 443 8.28 -1.45 -18.05
C SER A 443 9.69 -1.99 -18.19
N VAL A 444 10.02 -2.99 -17.36
CA VAL A 444 11.36 -3.57 -17.38
C VAL A 444 11.71 -4.13 -18.77
N GLU A 445 10.71 -4.71 -19.46
CA GLU A 445 10.90 -5.27 -20.80
C GLU A 445 11.09 -4.18 -21.84
N GLN A 446 10.31 -3.11 -21.74
CA GLN A 446 10.44 -1.94 -22.63
C GLN A 446 11.81 -1.28 -22.45
N LYS A 447 12.24 -1.15 -21.19
CA LYS A 447 13.56 -0.62 -20.86
C LYS A 447 14.67 -1.46 -21.49
N LEU A 448 14.57 -2.78 -21.35
CA LEU A 448 15.55 -3.71 -21.91
C LEU A 448 15.55 -3.64 -23.45
N SER A 449 14.36 -3.61 -24.03
CA SER A 449 14.17 -3.50 -25.50
C SER A 449 14.79 -2.22 -26.06
N LEU A 450 14.64 -1.11 -25.35
CA LEU A 450 15.25 0.16 -25.76
C LEU A 450 16.77 0.04 -25.88
N GLN A 451 17.39 -0.59 -24.89
CA GLN A 451 18.86 -0.74 -24.88
C GLN A 451 19.33 -1.71 -25.96
N LEU A 452 18.60 -2.80 -26.15
CA LEU A 452 18.88 -3.75 -27.24
C LEU A 452 18.76 -3.08 -28.61
N SER A 453 17.72 -2.27 -28.78
CA SER A 453 17.50 -1.52 -30.01
C SER A 453 18.56 -0.45 -30.26
N LYS A 454 19.03 0.19 -29.20
CA LYS A 454 20.13 1.16 -29.29
C LYS A 454 21.44 0.49 -29.75
N LEU A 455 21.69 -0.72 -29.25
CA LEU A 455 22.85 -1.52 -29.69
C LEU A 455 22.71 -1.95 -31.16
N TYR A 456 21.50 -2.34 -31.55
CA TYR A 456 21.19 -2.68 -32.96
C TYR A 456 21.48 -1.52 -33.92
N CYS A 457 21.05 -0.32 -33.54
CA CYS A 457 21.30 0.88 -34.35
C CYS A 457 22.76 1.34 -34.32
N LYS A 458 23.46 1.07 -33.20
CA LYS A 458 24.88 1.37 -33.07
C LYS A 458 25.75 0.54 -34.01
N ILE A 459 25.43 -0.76 -34.12
CA ILE A 459 26.14 -1.67 -35.04
C ILE A 459 25.83 -1.26 -36.48
N GLY A 460 24.55 -1.03 -36.78
CA GLY A 460 24.13 -0.48 -38.06
C GLY A 460 24.20 -1.44 -39.24
N ALA A 461 23.99 -2.72 -38.98
CA ALA A 461 23.94 -3.74 -40.04
C ALA A 461 22.66 -3.63 -40.86
N ASN A 462 21.54 -3.35 -40.17
CA ASN A 462 20.23 -3.19 -40.80
C ASN A 462 19.78 -4.47 -41.52
N ASP A 463 19.94 -5.60 -40.82
CA ASP A 463 19.70 -6.94 -41.37
C ASP A 463 18.68 -7.77 -40.55
N ARG A 464 17.92 -7.09 -39.68
CA ARG A 464 16.91 -7.73 -38.82
C ARG A 464 17.43 -8.77 -37.82
N HIS A 465 18.71 -8.72 -37.48
CA HIS A 465 19.33 -9.62 -36.51
C HIS A 465 19.66 -8.83 -35.26
N CYS A 466 18.83 -8.99 -34.22
CA CYS A 466 18.99 -8.27 -32.97
C CYS A 466 20.19 -8.83 -32.18
N PRO A 467 21.07 -7.94 -31.67
CA PRO A 467 22.34 -8.39 -31.09
C PRO A 467 22.25 -8.96 -29.66
N LEU A 468 21.41 -9.98 -29.48
CA LEU A 468 21.30 -10.71 -28.23
C LEU A 468 20.63 -12.06 -28.51
N ASN A 469 21.39 -13.14 -28.42
CA ASN A 469 20.88 -14.48 -28.71
C ASN A 469 20.11 -15.03 -27.50
N ASP A 470 18.79 -14.88 -27.55
CA ASP A 470 17.86 -15.41 -26.54
C ASP A 470 16.50 -15.59 -27.21
N LYS A 471 15.76 -16.62 -26.81
CA LYS A 471 14.47 -16.94 -27.45
C LYS A 471 13.41 -15.84 -27.26
N ASN A 472 13.50 -15.10 -26.15
CA ASN A 472 12.61 -13.97 -25.88
C ASN A 472 12.84 -12.75 -26.79
N VAL A 473 14.04 -12.64 -27.38
CA VAL A 473 14.36 -11.56 -28.31
C VAL A 473 13.70 -11.81 -29.68
N TYR A 474 13.14 -10.76 -30.27
CA TYR A 474 12.61 -10.83 -31.63
C TYR A 474 12.71 -9.48 -32.33
N PHE A 475 12.91 -9.51 -33.66
CA PHE A 475 12.86 -8.31 -34.47
C PHE A 475 11.40 -7.89 -34.64
N ASN A 476 11.12 -6.61 -34.40
CA ASN A 476 9.78 -6.06 -34.46
C ASN A 476 9.48 -5.59 -35.88
N LEU A 477 8.58 -6.29 -36.56
CA LEU A 477 8.19 -5.94 -37.93
C LEU A 477 7.38 -4.64 -38.03
N GLU A 478 6.70 -4.27 -36.94
CA GLU A 478 6.01 -2.96 -36.84
C GLU A 478 6.96 -1.77 -36.97
N SER A 479 8.23 -1.94 -36.56
CA SER A 479 9.25 -0.88 -36.68
C SER A 479 9.50 -0.42 -38.13
N LEU A 480 9.34 -1.34 -39.09
CA LEU A 480 9.55 -1.04 -40.51
C LEU A 480 8.44 -0.22 -41.15
N GLN A 481 7.25 -0.19 -40.53
CA GLN A 481 6.06 0.41 -41.15
C GLN A 481 6.06 1.93 -40.98
N CYS A 489 3.58 9.59 -32.32
CA CYS A 489 3.96 8.35 -31.64
C CYS A 489 5.26 7.81 -32.22
C4 9PN B . 2.83 -6.10 -0.85
C5 9PN B . 1.87 -5.87 0.32
C6 9PN B . 0.47 -5.51 -0.18
C3 9PN B . 4.17 -6.62 -0.33
CBP 9PN B . 5.99 -8.20 14.64
CBO 9PN B . 6.86 -7.36 15.33
CBT 9PN B . 7.67 -6.47 14.63
CBS 9PN B . 7.61 -6.41 13.24
CBR 9PN B . 6.74 -7.25 12.53
NBQ 9PN B . 5.91 -8.15 13.23
CBN 9PN B . 4.96 -9.10 12.58
CBU 9PN B . 4.70 -8.78 11.12
CBM 9PN B . 3.41 -9.51 10.82
CBL 9PN B . 3.23 -9.49 9.29
CBH 9PN B . 2.35 -8.80 8.59
NBK 9PN B . 3.97 -10.20 8.45
NBJ 9PN B . 3.58 -9.97 7.33
NBI 9PN B . 2.64 -9.14 7.32
CAG 9PN B . 1.94 -8.68 6.11
CAK 9PN B . 2.83 -8.60 4.86
OBA 9PN B . 3.69 -7.46 4.94
OAY 9PN B . 0.94 -9.71 5.97
CAI 9PN B . 0.07 -9.49 4.85
CAJ 9PN B . -1.09 -10.50 4.87
OBB 9PN B . -0.67 -11.71 5.47
CAH 9PN B . 0.89 -9.60 3.57
OAZ 9PN B . 0.07 -9.44 2.41
CAL 9PN B . 1.95 -8.50 3.60
O1 9PN B . 2.77 -8.69 2.44
C1 9PN B . 2.98 -7.51 1.66
C2 9PN B . 3.96 -7.84 0.54
O2 9PN B . 5.20 -8.28 1.12
O5 9PN B . 1.74 -7.08 1.09
O6 9PN B . -0.05 -6.59 -0.98
O4 9PN B . 3.03 -4.87 -1.57
O3 9PN B . 4.99 -6.97 -1.46
CAM 9PN B . 6.36 -6.59 -1.35
OBD 9PN B . 6.44 -5.16 -1.27
CAO 9PN B . 7.79 -4.71 -1.07
CAP 9PN B . 7.75 -3.19 -0.83
OBG 9PN B . 6.94 -2.56 -1.83
CAN 9PN B . 8.63 -5.07 -2.30
OBE 9PN B . 10.00 -4.71 -2.05
CAR 9PN B . 8.55 -6.58 -2.56
OBC 9PN B . 9.16 -6.88 -3.81
CAQ 9PN B . 7.10 -7.06 -2.60
OBF 9PN B . 7.08 -8.48 -2.70
C1 EDO C . -18.00 -21.72 9.62
O1 EDO C . -17.55 -22.59 10.66
C2 EDO C . -19.45 -21.36 9.84
O2 EDO C . -19.85 -20.39 8.88
C1 EDO D . -21.95 -17.35 13.89
O1 EDO D . -21.06 -16.64 14.76
C2 EDO D . -21.14 -18.06 12.81
O2 EDO D . -22.03 -18.53 11.78
C1 EDO E . 7.58 -7.11 -7.05
O1 EDO E . 8.03 -8.43 -6.74
C2 EDO E . 8.77 -6.15 -7.08
O2 EDO E . 8.76 -5.37 -5.88
C1 EDO F . 15.25 -6.76 -9.97
O1 EDO F . 15.95 -6.16 -8.87
C2 EDO F . 13.74 -6.64 -9.74
O2 EDO F . 13.38 -5.26 -9.60
C1 EDO G . 6.50 14.81 11.23
O1 EDO G . 6.12 13.91 12.27
C2 EDO G . 5.84 16.17 11.43
O2 EDO G . 5.64 16.82 10.18
C1 EDO H . -1.02 -23.71 13.46
O1 EDO H . -0.99 -22.38 14.01
C2 EDO H . -2.21 -23.83 12.51
O2 EDO H . -2.09 -22.86 11.46
C1 EDO I . 4.73 14.83 -12.88
O1 EDO I . 4.74 14.07 -14.10
C2 EDO I . 3.30 14.98 -12.38
O2 EDO I . 3.14 16.28 -11.79
C1 EDO J . 11.18 10.30 -15.55
O1 EDO J . 10.60 10.82 -14.34
C2 EDO J . 10.10 9.79 -16.48
O2 EDO J . 9.79 10.77 -17.47
C1 EDO K . -15.88 -3.23 -11.50
O1 EDO K . -15.81 -4.40 -12.33
C2 EDO K . -15.60 -1.98 -12.32
O2 EDO K . -16.20 -0.85 -11.68
S SO4 L . -18.17 -5.45 -9.32
O1 SO4 L . -18.63 -4.04 -9.26
O2 SO4 L . -17.30 -5.71 -8.15
O3 SO4 L . -19.34 -6.35 -9.27
O4 SO4 L . -17.43 -5.70 -10.57
S SO4 M . -18.37 4.74 -9.82
O1 SO4 M . -18.01 5.71 -10.88
O2 SO4 M . -17.15 4.35 -9.09
O3 SO4 M . -19.00 3.55 -10.43
O4 SO4 M . -19.33 5.38 -8.88
S SO4 N . -6.20 -21.57 26.21
O1 SO4 N . -5.81 -20.16 25.99
O2 SO4 N . -5.59 -22.05 27.47
O3 SO4 N . -7.67 -21.66 26.31
O4 SO4 N . -5.72 -22.40 25.08
#